data_4I8Q
#
_entry.id   4I8Q
#
_cell.length_a   98.040
_cell.length_b   118.070
_cell.length_c   128.210
_cell.angle_alpha   90.00
_cell.angle_beta   90.00
_cell.angle_gamma   90.00
#
_symmetry.space_group_name_H-M   'I 21 21 21'
#
loop_
_entity.id
_entity.type
_entity.pdbx_description
1 polymer 'Putative betaine aldehyde dehyrogenase'
2 non-polymer NICOTINAMIDE-ADENINE-DINUCLEOTIDE
3 non-polymer 1,2-ETHANEDIOL
4 non-polymer DI(HYDROXYETHYL)ETHER
5 non-polymer 'SODIUM ION'
6 water water
#
_entity_poly.entity_id   1
_entity_poly.type   'polypeptide(L)'
_entity_poly.pdbx_seq_one_letter_code
;MGSSHHHHHHSQDPANRNVPIPRRQLYIGGEWREPVKKNRIPIINPATEEIIGDIPAATAEDVDIAVEAARKAIARDDWG
STTGAQRAKYLRAIAAKVLEKKSVLATLESLDSGKTLYESAADMDDVAGCFEYYAGLAEALDSRRMTPVNLNSDSYKSYV
LREPLGVVGLITPWNYPLLMAIWKVAPALAAGCAAILKPSELASITCLELGEICREIGLPSGALNILTGLGPEAGGPLAS
HPHVDKISFTGSGPTGSKIMTAAAQLVKPVSLALGGKSPIVVFDDIDNLDIAAEWTLFGIFANTGQVCSATSRLIVQENI
ASAFMDRLLKWTKNIKISDPLEEDCKLGPVVSAGQYEKVLKFISNAKSEGATILCGGERPQHLKKGYYVQPTIITDVNTS
MEIWKEEVFGPVLCVKTFKTEEQAIELANDTKYGLGAAVMSKDVKRCERFTKAFQTGIIWINCSQPTFNELPWGGKKRSG
FGRDLGKWGLENFLNIKQVTEYTSAEPLAFYKSP
;
_entity_poly.pdbx_strand_id   A
#
# COMPACT_ATOMS: atom_id res chain seq x y z
N PRO A 20 -5.54 25.26 6.47
CA PRO A 20 -5.29 25.31 7.91
C PRO A 20 -4.67 23.99 8.34
N ILE A 21 -3.35 24.01 8.59
CA ILE A 21 -2.54 22.84 8.92
C ILE A 21 -2.62 22.47 10.39
N PRO A 22 -3.09 21.26 10.76
CA PRO A 22 -3.15 20.91 12.19
C PRO A 22 -1.80 20.57 12.83
N ARG A 23 -1.66 20.88 14.14
CA ARG A 23 -0.51 20.61 14.99
C ARG A 23 -1.00 19.68 16.14
N ARG A 24 -0.77 18.35 15.97
CA ARG A 24 -1.15 17.24 16.87
C ARG A 24 0.05 16.63 17.60
N GLN A 25 -0.22 15.67 18.49
CA GLN A 25 0.78 14.93 19.26
C GLN A 25 0.65 13.49 18.84
N LEU A 26 1.37 12.57 19.52
CA LEU A 26 1.26 11.15 19.24
C LEU A 26 -0.06 10.64 19.82
N TYR A 27 -0.77 9.78 19.09
CA TYR A 27 -2.05 9.26 19.58
C TYR A 27 -1.82 7.93 20.29
N ILE A 28 -1.80 7.95 21.63
CA ILE A 28 -1.50 6.76 22.44
C ILE A 28 -2.54 6.62 23.57
N GLY A 29 -3.07 5.41 23.74
CA GLY A 29 -4.07 5.09 24.77
C GLY A 29 -5.31 5.96 24.80
N GLY A 30 -5.84 6.30 23.63
CA GLY A 30 -7.04 7.13 23.53
C GLY A 30 -6.88 8.61 23.80
N GLU A 31 -5.68 9.05 24.20
CA GLU A 31 -5.37 10.45 24.47
C GLU A 31 -4.23 10.93 23.59
N TRP A 32 -4.09 12.24 23.42
CA TRP A 32 -3.00 12.82 22.66
C TRP A 32 -1.82 12.91 23.63
N ARG A 33 -0.70 12.25 23.30
CA ARG A 33 0.46 12.25 24.18
C ARG A 33 1.71 12.81 23.50
N GLU A 34 2.38 13.75 24.15
CA GLU A 34 3.61 14.36 23.66
C GLU A 34 4.77 13.31 23.54
N PRO A 35 5.73 13.45 22.57
CA PRO A 35 6.86 12.52 22.53
C PRO A 35 7.80 12.84 23.67
N VAL A 36 8.25 11.80 24.37
CA VAL A 36 9.16 11.85 25.53
C VAL A 36 10.32 12.84 25.37
N LYS A 37 11.00 12.80 24.21
CA LYS A 37 12.15 13.65 23.89
C LYS A 37 11.74 15.02 23.33
N LYS A 38 10.42 15.24 23.18
CA LYS A 38 9.83 16.50 22.71
C LYS A 38 10.14 16.91 21.25
N ASN A 39 10.81 16.01 20.52
CA ASN A 39 11.23 16.16 19.12
C ASN A 39 10.08 16.24 18.11
N ARG A 40 10.31 17.02 17.03
CA ARG A 40 9.36 17.27 15.95
C ARG A 40 10.09 17.30 14.62
N ILE A 41 9.38 16.95 13.55
CA ILE A 41 9.95 17.00 12.20
C ILE A 41 9.02 17.82 11.29
N PRO A 42 9.57 18.62 10.34
CA PRO A 42 8.70 19.49 9.53
C PRO A 42 7.83 18.77 8.52
N ILE A 43 6.74 19.47 8.15
CA ILE A 43 5.81 19.11 7.09
C ILE A 43 6.27 20.06 5.99
N ILE A 44 6.61 19.51 4.81
CA ILE A 44 7.05 20.28 3.63
C ILE A 44 5.97 20.23 2.55
N ASN A 45 5.69 21.38 1.92
CA ASN A 45 4.70 21.43 0.86
C ASN A 45 5.46 21.16 -0.45
N PRO A 46 5.17 20.03 -1.15
CA PRO A 46 5.92 19.74 -2.40
C PRO A 46 5.66 20.67 -3.58
N ALA A 47 4.51 21.39 -3.61
CA ALA A 47 4.20 22.36 -4.66
C ALA A 47 4.97 23.68 -4.46
N THR A 48 5.23 24.08 -3.18
CA THR A 48 5.86 25.37 -2.85
C THR A 48 7.21 25.35 -2.13
N GLU A 49 7.71 24.14 -1.72
CA GLU A 49 8.95 23.91 -0.97
C GLU A 49 9.05 24.75 0.31
N GLU A 50 7.94 24.85 1.02
CA GLU A 50 7.83 25.61 2.24
C GLU A 50 7.42 24.71 3.38
N ILE A 51 7.87 25.07 4.61
CA ILE A 51 7.47 24.36 5.80
C ILE A 51 6.08 24.91 6.11
N ILE A 52 5.05 24.02 6.04
CA ILE A 52 3.65 24.38 6.33
C ILE A 52 3.22 23.94 7.77
N GLY A 53 4.13 23.26 8.47
CA GLY A 53 3.87 22.74 9.80
C GLY A 53 4.93 21.80 10.31
N ASP A 54 4.55 20.94 11.28
CA ASP A 54 5.41 19.94 11.93
C ASP A 54 4.59 18.81 12.50
N ILE A 55 5.18 17.61 12.54
CA ILE A 55 4.54 16.42 13.08
C ILE A 55 5.43 15.93 14.21
N PRO A 56 4.86 15.21 15.22
CA PRO A 56 5.71 14.72 16.31
C PRO A 56 6.65 13.64 15.81
N ALA A 57 7.87 13.61 16.33
CA ALA A 57 8.80 12.57 15.93
C ALA A 57 9.12 11.60 17.09
N ALA A 58 8.28 10.53 17.26
CA ALA A 58 8.40 9.47 18.29
C ALA A 58 9.78 8.81 18.28
N THR A 59 10.18 8.17 19.42
CA THR A 59 11.44 7.44 19.58
C THR A 59 11.15 6.13 20.28
N ALA A 60 12.20 5.32 20.58
CA ALA A 60 12.09 4.01 21.26
C ALA A 60 11.16 4.03 22.49
N GLU A 61 11.38 4.96 23.43
CA GLU A 61 10.58 5.13 24.65
C GLU A 61 9.10 5.29 24.33
N ASP A 62 8.77 6.11 23.33
CA ASP A 62 7.38 6.30 22.83
C ASP A 62 6.74 4.98 22.34
N VAL A 63 7.51 4.16 21.59
CA VAL A 63 7.09 2.86 21.08
C VAL A 63 6.71 1.91 22.26
N ASP A 64 7.46 1.95 23.39
CA ASP A 64 7.15 1.14 24.58
C ASP A 64 5.84 1.57 25.24
N ILE A 65 5.58 2.88 25.29
CA ILE A 65 4.35 3.44 25.85
C ILE A 65 3.17 2.98 24.99
N ALA A 66 3.31 3.11 23.65
CA ALA A 66 2.29 2.66 22.71
C ALA A 66 2.09 1.15 22.72
N VAL A 67 3.16 0.36 22.93
CA VAL A 67 3.01 -1.11 22.98
C VAL A 67 2.27 -1.45 24.26
N GLU A 68 2.62 -0.73 25.37
CA GLU A 68 1.95 -0.89 26.66
C GLU A 68 0.45 -0.58 26.53
N ALA A 69 0.11 0.53 25.85
CA ALA A 69 -1.26 0.96 25.57
C ALA A 69 -2.00 -0.10 24.76
N ALA A 70 -1.33 -0.68 23.73
CA ALA A 70 -1.89 -1.74 22.90
C ALA A 70 -2.12 -3.03 23.70
N ARG A 71 -1.14 -3.43 24.57
CA ARG A 71 -1.27 -4.62 25.42
C ARG A 71 -2.45 -4.45 26.41
N LYS A 72 -2.61 -3.24 27.01
CA LYS A 72 -3.71 -2.90 27.95
C LYS A 72 -5.09 -2.98 27.27
N ALA A 73 -5.17 -2.58 25.99
CA ALA A 73 -6.41 -2.64 25.21
C ALA A 73 -6.81 -4.12 24.98
N ILE A 74 -5.81 -4.99 24.78
CA ILE A 74 -5.99 -6.41 24.53
C ILE A 74 -6.44 -7.16 25.81
N ALA A 75 -6.08 -6.62 26.98
CA ALA A 75 -6.35 -7.14 28.31
C ALA A 75 -7.67 -6.60 28.93
N ARG A 76 -8.13 -5.40 28.49
CA ARG A 76 -9.38 -4.78 28.95
C ARG A 76 -10.59 -5.37 28.25
N ASP A 77 -11.82 -5.08 28.76
CA ASP A 77 -13.07 -5.62 28.21
C ASP A 77 -13.66 -4.92 26.98
N ASP A 78 -13.55 -3.57 26.93
CA ASP A 78 -14.08 -2.77 25.81
C ASP A 78 -13.33 -2.93 24.48
N TRP A 79 -12.31 -3.84 24.44
CA TRP A 79 -11.56 -4.17 23.22
C TRP A 79 -11.21 -5.65 23.13
N GLY A 80 -10.55 -6.17 24.17
CA GLY A 80 -10.17 -7.58 24.25
C GLY A 80 -11.31 -8.58 24.36
N SER A 81 -12.54 -8.09 24.62
CA SER A 81 -13.72 -8.95 24.74
C SER A 81 -14.86 -8.60 23.75
N THR A 82 -14.58 -7.72 22.77
CA THR A 82 -15.59 -7.31 21.77
C THR A 82 -15.91 -8.36 20.74
N THR A 83 -17.16 -8.37 20.29
CA THR A 83 -17.61 -9.21 19.20
C THR A 83 -17.21 -8.44 17.94
N GLY A 84 -17.22 -9.11 16.80
CA GLY A 84 -16.90 -8.49 15.51
C GLY A 84 -17.90 -7.38 15.19
N ALA A 85 -19.20 -7.65 15.44
CA ALA A 85 -20.31 -6.70 15.26
C ALA A 85 -20.08 -5.40 16.06
N GLN A 86 -19.54 -5.52 17.29
CA GLN A 86 -19.20 -4.38 18.15
C GLN A 86 -18.03 -3.60 17.55
N ARG A 87 -17.05 -4.32 17.02
CA ARG A 87 -15.91 -3.72 16.35
C ARG A 87 -16.34 -3.02 15.05
N ALA A 88 -17.32 -3.58 14.31
CA ALA A 88 -17.84 -3.00 13.07
C ALA A 88 -18.59 -1.67 13.27
N LYS A 89 -19.28 -1.52 14.42
CA LYS A 89 -19.98 -0.26 14.73
C LYS A 89 -18.97 0.89 14.65
N TYR A 90 -17.76 0.65 15.21
CA TYR A 90 -16.65 1.60 15.24
C TYR A 90 -16.07 1.93 13.87
N LEU A 91 -15.83 0.90 13.03
CA LEU A 91 -15.28 1.08 11.69
C LEU A 91 -16.26 1.83 10.78
N ARG A 92 -17.57 1.54 10.92
CA ARG A 92 -18.61 2.24 10.19
C ARG A 92 -18.67 3.71 10.61
N ALA A 93 -18.35 3.98 11.90
CA ALA A 93 -18.29 5.33 12.46
C ALA A 93 -17.04 6.08 11.96
N ILE A 94 -15.88 5.38 11.86
CA ILE A 94 -14.66 6.02 11.32
C ILE A 94 -14.94 6.33 9.84
N ALA A 95 -15.55 5.40 9.07
CA ALA A 95 -15.90 5.69 7.67
C ALA A 95 -16.78 6.95 7.54
N ALA A 96 -17.83 7.10 8.40
CA ALA A 96 -18.74 8.24 8.42
C ALA A 96 -18.03 9.57 8.72
N LYS A 97 -17.00 9.58 9.58
CA LYS A 97 -16.26 10.83 9.85
C LYS A 97 -15.37 11.22 8.66
N VAL A 98 -14.75 10.21 7.98
CA VAL A 98 -13.91 10.40 6.81
C VAL A 98 -14.76 11.08 5.75
N LEU A 99 -15.96 10.50 5.46
CA LEU A 99 -16.94 11.08 4.53
C LEU A 99 -17.49 12.46 4.96
N GLU A 100 -17.68 12.71 6.28
CA GLU A 100 -18.09 14.02 6.80
C GLU A 100 -17.02 15.14 6.51
N LYS A 101 -15.72 14.83 6.74
CA LYS A 101 -14.58 15.74 6.54
C LYS A 101 -13.81 15.50 5.23
N LYS A 102 -14.43 14.82 4.22
CA LYS A 102 -13.86 14.54 2.90
C LYS A 102 -13.04 15.69 2.32
N SER A 103 -13.64 16.89 2.23
CA SER A 103 -13.03 18.14 1.69
C SER A 103 -11.75 18.65 2.39
N VAL A 104 -11.70 18.66 3.75
CA VAL A 104 -10.51 19.13 4.49
C VAL A 104 -9.38 18.08 4.37
N LEU A 105 -9.72 16.79 4.59
CA LEU A 105 -8.80 15.65 4.52
C LEU A 105 -8.16 15.53 3.16
N ALA A 106 -8.97 15.75 2.09
CA ALA A 106 -8.51 15.68 0.71
C ALA A 106 -7.56 16.82 0.42
N THR A 107 -7.85 18.00 0.97
CA THR A 107 -7.00 19.17 0.79
C THR A 107 -5.65 18.96 1.50
N LEU A 108 -5.70 18.41 2.72
CA LEU A 108 -4.52 18.16 3.52
C LEU A 108 -3.65 17.05 2.95
N GLU A 109 -4.27 15.95 2.47
CA GLU A 109 -3.56 14.84 1.81
C GLU A 109 -2.80 15.42 0.62
N SER A 110 -3.44 16.32 -0.16
CA SER A 110 -2.87 17.02 -1.32
C SER A 110 -1.69 17.93 -0.97
N LEU A 111 -1.87 18.80 0.06
CA LEU A 111 -0.84 19.74 0.56
C LEU A 111 0.34 18.99 1.16
N ASP A 112 0.07 17.82 1.73
CA ASP A 112 1.02 16.93 2.41
C ASP A 112 1.78 15.91 1.49
N SER A 113 1.15 15.41 0.41
CA SER A 113 1.77 14.44 -0.48
C SER A 113 2.09 14.93 -1.93
N GLY A 114 1.37 15.95 -2.38
CA GLY A 114 1.52 16.53 -3.72
C GLY A 114 0.48 16.02 -4.70
N LYS A 115 -0.26 14.98 -4.30
CA LYS A 115 -1.33 14.30 -5.03
C LYS A 115 -2.42 15.32 -5.39
N THR A 116 -3.04 15.21 -6.59
CA THR A 116 -4.09 16.16 -7.02
C THR A 116 -5.26 16.01 -6.08
N LEU A 117 -5.98 17.12 -5.85
CA LEU A 117 -7.19 17.11 -5.01
C LEU A 117 -8.22 16.03 -5.44
N TYR A 118 -8.34 15.77 -6.76
CA TYR A 118 -9.22 14.75 -7.32
C TYR A 118 -8.85 13.35 -6.81
N GLU A 119 -7.56 12.97 -6.95
CA GLU A 119 -7.02 11.68 -6.51
C GLU A 119 -7.12 11.58 -5.01
N SER A 120 -6.85 12.69 -4.32
CA SER A 120 -6.93 12.81 -2.87
C SER A 120 -8.38 12.58 -2.33
N ALA A 121 -9.39 13.17 -3.00
CA ALA A 121 -10.79 12.97 -2.68
C ALA A 121 -11.19 11.50 -3.06
N ALA A 122 -10.60 10.94 -4.17
CA ALA A 122 -10.85 9.57 -4.62
C ALA A 122 -10.29 8.60 -3.63
N ASP A 123 -9.15 8.93 -2.99
CA ASP A 123 -8.56 8.11 -1.94
C ASP A 123 -9.41 8.20 -0.66
N MET A 124 -10.13 9.35 -0.48
CA MET A 124 -10.99 9.51 0.69
C MET A 124 -12.25 8.68 0.59
N ASP A 125 -12.74 8.46 -0.64
CA ASP A 125 -13.90 7.58 -0.88
C ASP A 125 -13.48 6.13 -0.63
N ASP A 126 -12.33 5.71 -1.20
CA ASP A 126 -11.69 4.38 -1.07
C ASP A 126 -11.49 3.96 0.38
N VAL A 127 -10.99 4.90 1.23
CA VAL A 127 -10.75 4.77 2.67
C VAL A 127 -12.03 4.37 3.38
N ALA A 128 -13.12 5.16 3.23
CA ALA A 128 -14.41 4.87 3.87
C ALA A 128 -14.99 3.52 3.38
N GLY A 129 -14.83 3.21 2.09
CA GLY A 129 -15.23 1.95 1.47
C GLY A 129 -14.52 0.75 2.07
N CYS A 130 -13.24 0.94 2.46
CA CYS A 130 -12.37 -0.07 3.07
C CYS A 130 -12.83 -0.36 4.48
N PHE A 131 -13.22 0.68 5.25
CA PHE A 131 -13.78 0.43 6.58
C PHE A 131 -15.13 -0.22 6.43
N GLU A 132 -15.90 0.17 5.41
CA GLU A 132 -17.21 -0.42 5.10
C GLU A 132 -17.09 -1.91 4.82
N TYR A 133 -16.08 -2.30 4.02
CA TYR A 133 -15.79 -3.69 3.70
C TYR A 133 -15.42 -4.49 4.95
N TYR A 134 -14.46 -3.98 5.74
CA TYR A 134 -14.01 -4.63 6.97
C TYR A 134 -15.00 -4.57 8.14
N ALA A 135 -16.03 -3.72 8.01
CA ALA A 135 -17.07 -3.67 9.01
C ALA A 135 -17.89 -4.95 8.85
N GLY A 136 -18.38 -5.20 7.63
CA GLY A 136 -19.17 -6.37 7.27
C GLY A 136 -18.48 -7.69 7.50
N LEU A 137 -17.17 -7.72 7.23
CA LEU A 137 -16.27 -8.85 7.45
C LEU A 137 -16.09 -9.11 8.97
N ALA A 138 -16.05 -8.04 9.80
CA ALA A 138 -16.00 -8.18 11.28
C ALA A 138 -17.31 -8.79 11.79
N GLU A 139 -18.45 -8.41 11.20
CA GLU A 139 -19.74 -8.95 11.61
C GLU A 139 -19.84 -10.41 11.25
N ALA A 140 -19.32 -10.80 10.07
CA ALA A 140 -19.31 -12.18 9.62
C ALA A 140 -18.27 -13.04 10.39
N LEU A 141 -17.21 -12.40 10.94
CA LEU A 141 -16.14 -13.04 11.71
C LEU A 141 -16.65 -13.81 12.91
N ASP A 142 -17.66 -13.28 13.61
CA ASP A 142 -18.28 -13.92 14.78
C ASP A 142 -18.83 -15.32 14.46
N SER A 143 -19.47 -15.45 13.27
CA SER A 143 -20.01 -16.72 12.73
C SER A 143 -18.91 -17.77 12.51
N ARG A 144 -17.86 -17.43 11.74
CA ARG A 144 -16.74 -18.32 11.44
C ARG A 144 -15.61 -18.43 12.52
N ARG A 145 -15.90 -17.92 13.75
CA ARG A 145 -14.97 -17.98 14.91
C ARG A 145 -14.65 -19.43 15.25
N MET A 146 -15.68 -20.30 15.17
CA MET A 146 -15.69 -21.73 15.43
C MET A 146 -16.03 -22.40 14.10
N THR A 147 -15.13 -23.25 13.60
CA THR A 147 -15.32 -23.97 12.35
C THR A 147 -15.11 -25.47 12.58
N PRO A 148 -16.19 -26.28 12.67
CA PRO A 148 -16.01 -27.72 12.86
C PRO A 148 -15.49 -28.37 11.59
N VAL A 149 -14.48 -29.22 11.78
CA VAL A 149 -13.84 -30.02 10.74
C VAL A 149 -14.13 -31.48 11.04
N ASN A 150 -14.84 -32.15 10.12
CA ASN A 150 -15.23 -33.55 10.21
C ASN A 150 -13.98 -34.41 10.18
N LEU A 151 -14.01 -35.51 10.90
CA LEU A 151 -12.86 -36.41 10.94
C LEU A 151 -13.29 -37.86 10.72
N ASN A 152 -12.31 -38.73 10.44
CA ASN A 152 -12.56 -40.15 10.31
C ASN A 152 -12.19 -40.75 11.64
N SER A 153 -12.90 -40.29 12.67
CA SER A 153 -12.69 -40.71 14.05
C SER A 153 -14.02 -40.72 14.78
N ASP A 154 -14.20 -41.72 15.64
CA ASP A 154 -15.37 -41.87 16.50
C ASP A 154 -14.98 -41.55 17.95
N SER A 155 -13.67 -41.22 18.15
CA SER A 155 -13.08 -40.87 19.46
C SER A 155 -12.59 -39.40 19.57
N TYR A 156 -12.37 -38.73 18.43
CA TYR A 156 -11.92 -37.34 18.46
C TYR A 156 -12.90 -36.36 17.85
N LYS A 157 -12.94 -35.14 18.39
CA LYS A 157 -13.78 -34.08 17.90
C LYS A 157 -12.88 -32.89 17.60
N SER A 158 -12.96 -32.33 16.36
CA SER A 158 -12.11 -31.19 16.01
C SER A 158 -12.78 -29.99 15.36
N TYR A 159 -12.24 -28.81 15.68
CA TYR A 159 -12.65 -27.53 15.13
C TYR A 159 -11.46 -26.55 15.16
N VAL A 160 -11.58 -25.46 14.38
CA VAL A 160 -10.59 -24.42 14.26
C VAL A 160 -11.09 -23.14 14.87
N LEU A 161 -10.40 -22.66 15.95
CA LEU A 161 -10.74 -21.38 16.58
C LEU A 161 -9.90 -20.20 16.04
N ARG A 162 -10.59 -19.21 15.42
CA ARG A 162 -10.02 -17.96 14.90
C ARG A 162 -10.17 -16.81 15.93
N GLU A 163 -9.05 -16.21 16.30
CA GLU A 163 -9.02 -15.19 17.34
C GLU A 163 -8.06 -14.04 17.03
N PRO A 164 -8.23 -12.85 17.63
CA PRO A 164 -7.26 -11.75 17.37
C PRO A 164 -5.83 -12.18 17.71
N LEU A 165 -4.89 -11.86 16.82
CA LEU A 165 -3.49 -12.22 16.96
C LEU A 165 -2.79 -11.50 18.13
N GLY A 166 -3.28 -10.29 18.44
CA GLY A 166 -2.75 -9.50 19.54
C GLY A 166 -2.24 -8.14 19.16
N VAL A 167 -0.99 -7.83 19.48
CA VAL A 167 -0.42 -6.52 19.20
C VAL A 167 0.28 -6.53 17.85
N VAL A 168 -0.12 -5.60 16.97
CA VAL A 168 0.39 -5.54 15.60
C VAL A 168 0.99 -4.17 15.27
N GLY A 169 2.13 -4.17 14.59
CA GLY A 169 2.86 -2.96 14.20
C GLY A 169 2.59 -2.65 12.75
N LEU A 170 2.11 -1.43 12.48
CA LEU A 170 1.71 -1.09 11.13
C LEU A 170 2.58 0.03 10.56
N ILE A 171 3.65 -0.32 9.81
CA ILE A 171 4.59 0.65 9.19
C ILE A 171 4.14 0.90 7.73
N THR A 172 3.83 2.17 7.35
CA THR A 172 3.26 2.50 6.03
C THR A 172 3.95 3.59 5.12
N PRO A 173 3.75 3.60 3.77
CA PRO A 173 4.41 4.63 2.92
C PRO A 173 3.54 5.87 2.68
N TRP A 174 4.16 6.96 2.18
CA TRP A 174 3.57 8.29 1.90
C TRP A 174 2.73 8.46 0.60
N ASN A 175 2.80 7.48 -0.35
CA ASN A 175 2.13 7.56 -1.64
C ASN A 175 0.63 7.67 -1.55
N TYR A 176 0.02 6.93 -0.64
CA TYR A 176 -1.41 6.99 -0.37
C TYR A 176 -1.35 7.07 1.15
N PRO A 177 -1.07 8.27 1.75
CA PRO A 177 -0.86 8.34 3.21
C PRO A 177 -1.95 7.67 4.05
N LEU A 178 -3.18 8.21 4.02
CA LEU A 178 -4.28 7.58 4.71
C LEU A 178 -4.66 6.20 4.11
N LEU A 179 -4.79 6.08 2.75
CA LEU A 179 -5.18 4.82 2.06
C LEU A 179 -4.30 3.66 2.33
N MET A 180 -2.97 3.84 2.24
CA MET A 180 -2.04 2.73 2.56
C MET A 180 -2.11 2.28 3.99
N ALA A 181 -2.27 3.22 4.92
CA ALA A 181 -2.43 2.91 6.32
C ALA A 181 -3.74 2.12 6.52
N ILE A 182 -4.85 2.62 5.98
CA ILE A 182 -6.18 2.02 6.11
C ILE A 182 -6.28 0.57 5.62
N TRP A 183 -5.44 0.19 4.63
CA TRP A 183 -5.37 -1.17 4.10
C TRP A 183 -4.99 -2.20 5.18
N LYS A 184 -4.38 -1.70 6.27
CA LYS A 184 -3.86 -2.44 7.41
C LYS A 184 -4.67 -2.15 8.66
N VAL A 185 -5.03 -0.87 8.88
CA VAL A 185 -5.84 -0.45 10.04
C VAL A 185 -7.23 -1.10 10.02
N ALA A 186 -7.99 -0.96 8.91
CA ALA A 186 -9.34 -1.55 8.74
C ALA A 186 -9.39 -3.08 9.00
N PRO A 187 -8.49 -3.94 8.41
CA PRO A 187 -8.52 -5.37 8.77
C PRO A 187 -7.98 -5.70 10.18
N ALA A 188 -6.89 -5.03 10.65
CA ALA A 188 -6.36 -5.24 12.01
C ALA A 188 -7.46 -5.03 13.05
N LEU A 189 -8.14 -3.87 13.00
CA LEU A 189 -9.23 -3.55 13.90
C LEU A 189 -10.42 -4.48 13.73
N ALA A 190 -10.75 -4.90 12.46
CA ALA A 190 -11.85 -5.84 12.20
C ALA A 190 -11.61 -7.17 12.89
N ALA A 191 -10.38 -7.68 12.83
CA ALA A 191 -9.88 -8.92 13.41
C ALA A 191 -9.82 -8.86 14.91
N GLY A 192 -9.76 -7.66 15.47
CA GLY A 192 -9.75 -7.45 16.90
C GLY A 192 -8.41 -7.20 17.53
N CYS A 193 -7.40 -6.89 16.71
CA CYS A 193 -6.03 -6.60 17.16
C CYS A 193 -5.94 -5.17 17.73
N ALA A 194 -4.90 -4.90 18.50
CA ALA A 194 -4.61 -3.55 19.00
C ALA A 194 -3.41 -3.11 18.14
N ALA A 195 -3.62 -2.11 17.27
CA ALA A 195 -2.59 -1.70 16.33
C ALA A 195 -1.78 -0.52 16.74
N ILE A 196 -0.53 -0.48 16.26
CA ILE A 196 0.43 0.61 16.43
C ILE A 196 0.85 1.03 15.03
N LEU A 197 0.18 2.06 14.50
CA LEU A 197 0.40 2.65 13.19
C LEU A 197 1.54 3.67 13.20
N LYS A 198 2.52 3.45 12.31
CA LYS A 198 3.69 4.30 12.09
C LYS A 198 3.70 4.69 10.60
N PRO A 199 3.20 5.90 10.28
CA PRO A 199 3.14 6.34 8.87
C PRO A 199 4.45 6.97 8.41
N SER A 200 4.56 7.37 7.11
CA SER A 200 5.82 7.95 6.62
C SER A 200 5.99 9.39 7.02
N GLU A 201 7.22 9.76 7.45
CA GLU A 201 7.60 11.14 7.83
C GLU A 201 7.46 12.18 6.69
N LEU A 202 6.91 11.78 5.54
CA LEU A 202 6.73 12.65 4.39
C LEU A 202 5.28 13.02 4.27
N ALA A 203 4.40 12.19 4.85
CA ALA A 203 2.95 12.38 4.78
C ALA A 203 2.19 11.71 5.94
N SER A 204 2.12 12.41 7.09
CA SER A 204 1.51 11.96 8.34
C SER A 204 0.30 12.79 8.83
N ILE A 205 -0.04 13.91 8.12
CA ILE A 205 -1.17 14.78 8.44
C ILE A 205 -2.48 14.01 8.61
N THR A 206 -2.89 13.25 7.59
CA THR A 206 -4.17 12.49 7.62
C THR A 206 -4.20 11.36 8.63
N CYS A 207 -3.06 10.66 8.82
CA CYS A 207 -2.97 9.56 9.80
C CYS A 207 -3.15 10.07 11.21
N LEU A 208 -2.61 11.27 11.51
CA LEU A 208 -2.76 11.91 12.81
C LEU A 208 -4.21 12.33 12.99
N GLU A 209 -4.85 12.84 11.91
CA GLU A 209 -6.26 13.25 11.88
C GLU A 209 -7.16 12.05 12.10
N LEU A 210 -6.70 10.86 11.69
CA LEU A 210 -7.40 9.60 11.92
C LEU A 210 -7.52 9.38 13.44
N GLY A 211 -6.49 9.81 14.19
CA GLY A 211 -6.44 9.79 15.64
C GLY A 211 -7.54 10.63 16.23
N GLU A 212 -7.75 11.83 15.68
CA GLU A 212 -8.82 12.72 16.12
C GLU A 212 -10.22 12.12 15.85
N ILE A 213 -10.40 11.42 14.70
CA ILE A 213 -11.65 10.77 14.30
C ILE A 213 -11.98 9.69 15.30
N CYS A 214 -10.92 8.98 15.75
CA CYS A 214 -10.98 7.91 16.73
C CYS A 214 -11.36 8.43 18.09
N ARG A 215 -10.89 9.64 18.45
CA ARG A 215 -11.28 10.32 19.68
C ARG A 215 -12.77 10.67 19.54
N GLU A 216 -13.13 11.30 18.40
CA GLU A 216 -14.48 11.73 18.00
C GLU A 216 -15.53 10.60 17.93
N ILE A 217 -15.11 9.36 17.67
CA ILE A 217 -16.03 8.19 17.60
C ILE A 217 -15.96 7.35 18.88
N GLY A 218 -15.02 7.71 19.77
CA GLY A 218 -14.83 7.08 21.05
C GLY A 218 -14.20 5.70 21.02
N LEU A 219 -13.37 5.42 19.98
CA LEU A 219 -12.67 4.13 19.81
C LEU A 219 -11.93 3.76 21.09
N PRO A 220 -12.12 2.50 21.58
CA PRO A 220 -11.47 2.09 22.83
C PRO A 220 -9.97 2.38 22.85
N SER A 221 -9.47 2.87 23.98
CA SER A 221 -8.07 3.26 24.18
C SER A 221 -7.10 2.14 23.89
N GLY A 222 -6.03 2.45 23.17
CA GLY A 222 -5.01 1.48 22.79
C GLY A 222 -5.39 0.63 21.61
N ALA A 223 -6.68 0.68 21.17
CA ALA A 223 -7.16 -0.09 20.01
C ALA A 223 -6.34 0.31 18.78
N LEU A 224 -6.11 1.64 18.63
CA LEU A 224 -5.31 2.26 17.57
C LEU A 224 -4.36 3.28 18.19
N ASN A 225 -3.07 3.13 17.87
CA ASN A 225 -1.99 4.00 18.35
C ASN A 225 -1.26 4.42 17.12
N ILE A 226 -1.12 5.74 16.94
CA ILE A 226 -0.55 6.40 15.77
C ILE A 226 0.74 7.10 16.21
N LEU A 227 1.85 6.64 15.67
CA LEU A 227 3.15 7.15 16.03
C LEU A 227 3.88 7.71 14.83
N THR A 228 3.99 9.01 14.76
CA THR A 228 4.70 9.64 13.67
C THR A 228 6.16 9.68 14.00
N GLY A 229 7.00 9.99 13.02
CA GLY A 229 8.44 10.04 13.21
C GLY A 229 9.25 9.26 12.19
N LEU A 230 10.57 9.41 12.28
CA LEU A 230 11.53 8.77 11.39
C LEU A 230 11.46 7.27 11.48
N GLY A 231 11.68 6.59 10.34
CA GLY A 231 11.64 5.13 10.22
C GLY A 231 12.58 4.38 11.16
N PRO A 232 13.89 4.74 11.24
CA PRO A 232 14.76 3.97 12.16
C PRO A 232 14.44 4.30 13.61
N GLU A 233 13.96 5.51 13.87
CA GLU A 233 13.57 6.01 15.19
C GLU A 233 12.20 5.49 15.72
N ALA A 234 11.17 5.50 14.91
CA ALA A 234 9.88 5.04 15.40
C ALA A 234 9.42 3.66 14.82
N GLY A 235 9.79 3.35 13.58
CA GLY A 235 9.46 2.07 12.94
C GLY A 235 10.32 0.94 13.44
N GLY A 236 11.61 1.24 13.61
CA GLY A 236 12.63 0.31 14.07
C GLY A 236 12.33 -0.37 15.37
N PRO A 237 12.10 0.36 16.48
CA PRO A 237 11.80 -0.29 17.76
C PRO A 237 10.55 -1.18 17.74
N LEU A 238 9.59 -0.87 16.87
CA LEU A 238 8.35 -1.62 16.72
C LEU A 238 8.70 -2.99 16.16
N ALA A 239 9.69 -3.03 15.24
CA ALA A 239 10.19 -4.25 14.61
C ALA A 239 10.98 -5.12 15.60
N SER A 240 11.70 -4.51 16.54
CA SER A 240 12.47 -5.25 17.56
C SER A 240 11.80 -5.27 18.93
N HIS A 241 10.53 -4.86 19.06
CA HIS A 241 9.81 -4.93 20.32
C HIS A 241 9.39 -6.39 20.66
N PRO A 242 9.74 -6.92 21.86
CA PRO A 242 9.35 -8.30 22.19
C PRO A 242 7.86 -8.57 22.40
N HIS A 243 7.02 -7.51 22.48
CA HIS A 243 5.56 -7.65 22.71
C HIS A 243 4.69 -7.24 21.51
N VAL A 244 5.29 -7.24 20.31
CA VAL A 244 4.56 -6.93 19.08
C VAL A 244 4.46 -8.29 18.43
N ASP A 245 3.24 -8.78 18.30
CA ASP A 245 3.03 -10.12 17.77
C ASP A 245 3.39 -10.23 16.29
N LYS A 246 3.22 -9.13 15.50
CA LYS A 246 3.41 -9.11 14.05
C LYS A 246 3.61 -7.71 13.48
N ILE A 247 4.49 -7.62 12.46
CA ILE A 247 4.69 -6.35 11.76
C ILE A 247 4.11 -6.47 10.36
N SER A 248 3.18 -5.57 9.99
CA SER A 248 2.61 -5.50 8.64
C SER A 248 3.31 -4.32 7.99
N PHE A 249 4.20 -4.64 7.03
CA PHE A 249 5.00 -3.65 6.35
C PHE A 249 4.75 -3.46 4.85
N THR A 250 4.65 -2.19 4.48
CA THR A 250 4.55 -1.71 3.12
C THR A 250 5.60 -0.59 2.94
N GLY A 251 6.38 -0.69 1.86
CA GLY A 251 7.43 0.29 1.55
C GLY A 251 8.48 -0.27 0.62
N SER A 252 9.67 0.33 0.57
CA SER A 252 10.74 -0.15 -0.31
C SER A 252 11.41 -1.43 0.21
N GLY A 253 11.97 -2.21 -0.72
CA GLY A 253 12.66 -3.47 -0.49
C GLY A 253 13.77 -3.35 0.53
N PRO A 254 14.75 -2.41 0.34
CA PRO A 254 15.82 -2.27 1.35
C PRO A 254 15.34 -2.07 2.80
N THR A 255 14.15 -1.44 2.97
CA THR A 255 13.51 -1.19 4.28
C THR A 255 12.95 -2.49 4.84
N GLY A 256 12.23 -3.24 4.01
CA GLY A 256 11.69 -4.56 4.33
C GLY A 256 12.76 -5.52 4.81
N SER A 257 13.98 -5.44 4.20
CA SER A 257 15.11 -6.25 4.61
C SER A 257 15.45 -5.95 6.05
N LYS A 258 15.63 -4.64 6.36
CA LYS A 258 16.01 -4.14 7.69
C LYS A 258 14.98 -4.53 8.73
N ILE A 259 13.69 -4.36 8.42
CA ILE A 259 12.57 -4.73 9.28
C ILE A 259 12.53 -6.23 9.60
N MET A 260 12.49 -7.11 8.56
CA MET A 260 12.50 -8.57 8.63
C MET A 260 13.76 -9.09 9.39
N THR A 261 14.96 -8.54 9.11
CA THR A 261 16.21 -8.89 9.82
C THR A 261 16.03 -8.64 11.33
N ALA A 262 15.41 -7.51 11.72
CA ALA A 262 15.15 -7.18 13.11
C ALA A 262 14.08 -8.13 13.67
N ALA A 263 12.96 -8.33 12.91
CA ALA A 263 11.89 -9.25 13.32
C ALA A 263 12.39 -10.70 13.45
N ALA A 264 13.47 -11.08 12.75
CA ALA A 264 14.04 -12.43 12.80
C ALA A 264 14.63 -12.76 14.16
N GLN A 265 15.28 -11.76 14.85
CA GLN A 265 15.90 -11.90 16.18
C GLN A 265 14.85 -12.35 17.21
N LEU A 266 13.65 -11.80 17.08
CA LEU A 266 12.53 -12.09 17.95
C LEU A 266 11.54 -13.06 17.31
N VAL A 267 12.02 -13.80 16.25
CA VAL A 267 11.23 -14.75 15.43
C VAL A 267 9.80 -14.23 15.19
N LYS A 268 9.70 -12.95 14.86
CA LYS A 268 8.46 -12.23 14.69
C LYS A 268 8.00 -12.29 13.27
N PRO A 269 6.72 -12.70 13.03
CA PRO A 269 6.19 -12.68 11.65
C PRO A 269 6.08 -11.25 11.14
N VAL A 270 6.37 -11.08 9.87
CA VAL A 270 6.35 -9.80 9.14
C VAL A 270 5.79 -10.02 7.70
N SER A 271 4.91 -9.13 7.21
CA SER A 271 4.39 -9.19 5.83
C SER A 271 5.15 -8.15 4.99
N LEU A 272 5.48 -8.45 3.73
CA LEU A 272 6.25 -7.48 2.93
C LEU A 272 5.60 -7.04 1.62
N ALA A 273 5.00 -5.84 1.62
CA ALA A 273 4.39 -5.25 0.42
C ALA A 273 5.40 -4.21 -0.16
N LEU A 274 6.17 -4.66 -1.17
CA LEU A 274 7.22 -3.84 -1.77
C LEU A 274 6.94 -3.34 -3.18
N GLY A 275 7.97 -2.78 -3.82
CA GLY A 275 7.90 -2.15 -5.13
C GLY A 275 7.76 -3.05 -6.34
N GLY A 276 7.76 -2.39 -7.51
CA GLY A 276 7.65 -3.09 -8.78
C GLY A 276 8.22 -2.40 -10.00
N LYS A 277 8.26 -3.16 -11.10
CA LYS A 277 8.64 -2.71 -12.44
C LYS A 277 7.68 -3.46 -13.37
N SER A 278 6.37 -3.31 -13.05
CA SER A 278 5.22 -3.95 -13.70
C SER A 278 5.13 -3.60 -15.18
N PRO A 279 4.90 -4.63 -16.04
CA PRO A 279 4.81 -4.38 -17.47
C PRO A 279 3.40 -4.20 -18.04
N ILE A 280 3.28 -3.43 -19.12
CA ILE A 280 2.05 -3.25 -19.90
C ILE A 280 2.30 -3.75 -21.32
N VAL A 281 1.65 -4.87 -21.66
CA VAL A 281 1.77 -5.53 -22.94
C VAL A 281 0.57 -5.18 -23.82
N VAL A 282 0.80 -4.40 -24.90
CA VAL A 282 -0.25 -4.04 -25.87
C VAL A 282 0.01 -4.73 -27.22
N PHE A 283 -1.01 -5.45 -27.71
CA PHE A 283 -1.01 -6.25 -28.94
C PHE A 283 -1.84 -5.56 -30.00
N ASP A 284 -1.48 -5.73 -31.28
CA ASP A 284 -2.18 -5.12 -32.43
C ASP A 284 -3.70 -5.29 -32.54
N ASP A 285 -4.30 -6.26 -31.83
CA ASP A 285 -5.75 -6.52 -31.89
C ASP A 285 -6.60 -5.68 -30.92
N ILE A 286 -6.17 -4.43 -30.66
CA ILE A 286 -6.91 -3.53 -29.78
C ILE A 286 -7.99 -2.74 -30.54
N ASP A 287 -9.24 -2.86 -30.07
CA ASP A 287 -10.44 -2.23 -30.58
C ASP A 287 -10.40 -0.71 -30.56
N ASN A 288 -9.68 -0.13 -29.57
CA ASN A 288 -9.55 1.32 -29.45
C ASN A 288 -8.15 1.72 -28.98
N LEU A 289 -7.42 2.41 -29.88
CA LEU A 289 -6.08 2.92 -29.66
C LEU A 289 -6.10 4.07 -28.62
N ASP A 290 -7.24 4.83 -28.52
CA ASP A 290 -7.41 5.95 -27.60
C ASP A 290 -7.74 5.52 -26.17
N ILE A 291 -8.42 4.39 -26.02
CA ILE A 291 -8.78 3.84 -24.73
C ILE A 291 -7.55 3.13 -24.11
N ALA A 292 -6.75 2.45 -24.95
CA ALA A 292 -5.51 1.74 -24.60
C ALA A 292 -4.43 2.67 -24.12
N ALA A 293 -4.25 3.83 -24.83
CA ALA A 293 -3.28 4.88 -24.53
C ALA A 293 -3.67 5.59 -23.21
N GLU A 294 -4.98 5.80 -22.95
CA GLU A 294 -5.47 6.42 -21.72
C GLU A 294 -5.15 5.56 -20.46
N TRP A 295 -5.26 4.22 -20.57
CA TRP A 295 -4.94 3.27 -19.50
C TRP A 295 -3.41 3.26 -19.29
N THR A 296 -2.62 3.37 -20.37
CA THR A 296 -1.14 3.40 -20.34
C THR A 296 -0.66 4.66 -19.57
N LEU A 297 -1.41 5.75 -19.65
CA LEU A 297 -1.13 7.02 -18.97
C LEU A 297 -1.40 6.90 -17.48
N PHE A 298 -2.59 6.38 -17.15
CA PHE A 298 -3.08 6.18 -15.79
C PHE A 298 -2.20 5.19 -15.01
N GLY A 299 -1.64 4.22 -15.72
CA GLY A 299 -0.78 3.20 -15.13
C GLY A 299 0.61 3.67 -14.80
N ILE A 300 1.06 4.81 -15.36
CA ILE A 300 2.42 5.33 -15.18
C ILE A 300 2.54 6.84 -14.79
N PHE A 301 1.49 7.65 -15.05
CA PHE A 301 1.50 9.05 -14.71
C PHE A 301 0.53 9.48 -13.57
N ALA A 302 -0.45 8.62 -13.23
CA ALA A 302 -1.37 8.92 -12.11
C ALA A 302 -0.55 8.75 -10.87
N ASN A 303 -0.73 9.68 -9.92
CA ASN A 303 0.00 9.83 -8.67
C ASN A 303 1.46 10.20 -8.96
N THR A 304 1.70 10.97 -10.05
CA THR A 304 3.05 11.39 -10.48
C THR A 304 3.98 10.16 -10.60
N GLY A 305 3.41 9.06 -11.07
CA GLY A 305 4.11 7.80 -11.22
C GLY A 305 4.49 7.05 -9.95
N GLN A 306 4.20 7.64 -8.76
CA GLN A 306 4.50 7.11 -7.43
C GLN A 306 3.42 6.09 -7.06
N VAL A 307 3.42 4.95 -7.79
CA VAL A 307 2.48 3.82 -7.61
C VAL A 307 3.30 2.56 -7.68
N CYS A 308 3.14 1.69 -6.69
CA CYS A 308 3.85 0.40 -6.57
C CYS A 308 3.63 -0.50 -7.76
N SER A 309 2.39 -0.57 -8.22
CA SER A 309 1.99 -1.44 -9.32
C SER A 309 2.05 -0.75 -10.64
N ALA A 310 2.64 0.47 -10.70
CA ALA A 310 2.78 1.22 -11.96
C ALA A 310 3.28 0.38 -13.12
N THR A 311 2.62 0.49 -14.28
CA THR A 311 3.00 -0.23 -15.50
C THR A 311 4.06 0.61 -16.18
N SER A 312 5.28 0.60 -15.58
CA SER A 312 6.47 1.41 -15.91
C SER A 312 7.30 1.00 -17.13
N ARG A 313 6.98 -0.17 -17.72
CA ARG A 313 7.63 -0.75 -18.88
C ARG A 313 6.54 -1.13 -19.89
N LEU A 314 6.50 -0.47 -21.06
CA LEU A 314 5.49 -0.73 -22.11
C LEU A 314 6.11 -1.55 -23.19
N ILE A 315 5.58 -2.76 -23.35
CA ILE A 315 6.03 -3.73 -24.36
C ILE A 315 4.89 -3.78 -25.37
N VAL A 316 5.02 -2.92 -26.41
CA VAL A 316 4.06 -2.68 -27.49
C VAL A 316 4.41 -3.49 -28.76
N GLN A 317 3.40 -3.97 -29.49
CA GLN A 317 3.72 -4.75 -30.69
C GLN A 317 4.16 -3.82 -31.84
N GLU A 318 5.26 -4.21 -32.56
CA GLU A 318 5.87 -3.50 -33.70
C GLU A 318 4.86 -2.92 -34.71
N ASN A 319 3.78 -3.68 -34.98
CA ASN A 319 2.66 -3.36 -35.86
C ASN A 319 1.97 -2.05 -35.49
N ILE A 320 1.48 -1.92 -34.23
CA ILE A 320 0.77 -0.75 -33.70
C ILE A 320 1.68 0.26 -32.98
N ALA A 321 2.97 -0.08 -32.77
CA ALA A 321 3.94 0.75 -32.06
C ALA A 321 3.98 2.20 -32.58
N SER A 322 4.03 2.36 -33.91
CA SER A 322 4.04 3.64 -34.62
C SER A 322 2.76 4.43 -34.33
N ALA A 323 1.59 3.80 -34.51
CA ALA A 323 0.28 4.41 -34.26
C ALA A 323 0.04 4.76 -32.76
N PHE A 324 0.27 3.78 -31.86
CA PHE A 324 0.12 3.90 -30.42
C PHE A 324 0.96 5.03 -29.79
N MET A 325 2.24 5.15 -30.20
CA MET A 325 3.16 6.18 -29.69
C MET A 325 2.70 7.60 -29.99
N ASP A 326 2.14 7.82 -31.18
CA ASP A 326 1.64 9.11 -31.62
C ASP A 326 0.48 9.57 -30.71
N ARG A 327 -0.48 8.67 -30.43
CA ARG A 327 -1.66 8.94 -29.60
C ARG A 327 -1.27 9.15 -28.12
N LEU A 328 -0.34 8.32 -27.63
CA LEU A 328 0.21 8.33 -26.28
C LEU A 328 0.77 9.70 -25.98
N LEU A 329 1.76 10.13 -26.77
CA LEU A 329 2.42 11.43 -26.67
C LEU A 329 1.48 12.62 -26.84
N LYS A 330 0.42 12.45 -27.64
CA LYS A 330 -0.59 13.47 -27.91
C LYS A 330 -1.40 13.67 -26.62
N TRP A 331 -1.86 12.54 -26.01
CA TRP A 331 -2.57 12.42 -24.73
C TRP A 331 -1.65 12.91 -23.60
N THR A 332 -0.34 12.49 -23.60
CA THR A 332 0.70 12.86 -22.61
C THR A 332 0.96 14.35 -22.53
N LYS A 333 1.24 15.00 -23.70
CA LYS A 333 1.49 16.46 -23.84
C LYS A 333 0.25 17.26 -23.40
N ASN A 334 -0.89 16.58 -23.28
CA ASN A 334 -2.14 17.18 -22.84
C ASN A 334 -2.30 17.17 -21.32
N ILE A 335 -1.51 16.33 -20.58
CA ILE A 335 -1.58 16.28 -19.12
C ILE A 335 -1.21 17.64 -18.52
N LYS A 336 -2.16 18.24 -17.75
CA LYS A 336 -2.02 19.52 -17.05
C LYS A 336 -1.19 19.34 -15.76
N ILE A 337 0.00 19.94 -15.76
CA ILE A 337 0.93 19.90 -14.65
C ILE A 337 0.81 21.23 -13.97
N SER A 338 0.23 21.26 -12.78
CA SER A 338 0.06 22.50 -12.03
C SER A 338 0.06 22.19 -10.56
N ASP A 339 -0.31 23.19 -9.74
CA ASP A 339 -0.49 23.09 -8.31
C ASP A 339 -1.61 22.05 -8.03
N PRO A 340 -1.34 21.01 -7.23
CA PRO A 340 -2.37 19.97 -6.98
C PRO A 340 -3.73 20.42 -6.44
N LEU A 341 -3.78 21.57 -5.74
CA LEU A 341 -5.03 22.13 -5.19
C LEU A 341 -5.82 22.88 -6.27
N GLU A 342 -5.18 23.18 -7.40
CA GLU A 342 -5.80 23.86 -8.53
C GLU A 342 -6.90 23.02 -9.20
N GLU A 343 -7.73 23.71 -9.98
CA GLU A 343 -8.85 23.16 -10.74
C GLU A 343 -8.36 22.44 -12.00
N ASP A 344 -8.80 21.18 -12.21
CA ASP A 344 -8.51 20.36 -13.39
C ASP A 344 -7.07 19.85 -13.56
N CYS A 345 -6.26 19.94 -12.47
CA CYS A 345 -4.87 19.46 -12.41
C CYS A 345 -4.85 17.93 -12.61
N LYS A 346 -4.02 17.43 -13.55
CA LYS A 346 -3.92 15.99 -13.79
C LYS A 346 -2.61 15.38 -13.30
N LEU A 347 -1.60 16.23 -13.09
CA LEU A 347 -0.30 15.83 -12.57
C LEU A 347 0.19 16.87 -11.57
N GLY A 348 0.71 16.40 -10.44
CA GLY A 348 1.28 17.26 -9.42
C GLY A 348 2.80 17.07 -9.25
N PRO A 349 3.39 17.61 -8.17
CA PRO A 349 4.83 17.41 -7.98
C PRO A 349 5.09 16.05 -7.29
N VAL A 350 6.37 15.59 -7.30
CA VAL A 350 6.73 14.40 -6.55
C VAL A 350 6.74 14.84 -5.05
N VAL A 351 6.67 13.87 -4.10
CA VAL A 351 6.58 14.09 -2.66
C VAL A 351 7.66 14.97 -1.98
N SER A 352 8.94 14.78 -2.33
CA SER A 352 10.06 15.45 -1.68
C SER A 352 11.20 15.88 -2.62
N ALA A 353 12.22 16.57 -2.08
CA ALA A 353 13.39 16.98 -2.84
C ALA A 353 14.28 15.76 -3.17
N GLY A 354 14.45 14.88 -2.19
CA GLY A 354 15.24 13.66 -2.35
C GLY A 354 14.68 12.73 -3.42
N GLN A 355 13.34 12.62 -3.48
CA GLN A 355 12.61 11.82 -4.48
C GLN A 355 12.78 12.45 -5.85
N TYR A 356 12.57 13.78 -5.95
CA TYR A 356 12.75 14.61 -7.14
C TYR A 356 14.09 14.38 -7.85
N GLU A 357 15.20 14.47 -7.08
CA GLU A 357 16.56 14.29 -7.57
C GLU A 357 16.81 12.88 -8.03
N LYS A 358 16.30 11.86 -7.26
CA LYS A 358 16.46 10.44 -7.58
C LYS A 358 15.80 10.17 -8.91
N VAL A 359 14.54 10.64 -9.05
CA VAL A 359 13.74 10.53 -10.28
C VAL A 359 14.46 11.17 -11.48
N LEU A 360 14.88 12.47 -11.36
CA LEU A 360 15.61 13.13 -12.44
C LEU A 360 16.95 12.46 -12.73
N LYS A 361 17.59 11.84 -11.70
CA LYS A 361 18.87 11.12 -11.88
C LYS A 361 18.64 9.89 -12.80
N PHE A 362 17.45 9.30 -12.73
CA PHE A 362 17.03 8.16 -13.56
C PHE A 362 16.86 8.58 -15.02
N ILE A 363 16.18 9.71 -15.24
CA ILE A 363 16.00 10.30 -16.57
C ILE A 363 17.37 10.58 -17.18
N SER A 364 18.30 11.24 -16.42
CA SER A 364 19.65 11.57 -16.90
C SER A 364 20.53 10.34 -17.15
N ASN A 365 20.41 9.30 -16.27
CA ASN A 365 21.11 8.02 -16.39
C ASN A 365 20.69 7.27 -17.65
N ALA A 366 19.42 7.45 -18.08
CA ALA A 366 18.92 6.87 -19.33
C ALA A 366 19.59 7.57 -20.54
N LYS A 367 19.97 8.85 -20.40
CA LYS A 367 20.67 9.61 -21.45
C LYS A 367 22.11 9.09 -21.58
N SER A 368 22.88 9.08 -20.46
CA SER A 368 24.25 8.52 -20.42
C SER A 368 24.33 7.14 -21.12
N GLU A 369 23.42 6.21 -20.72
CA GLU A 369 23.33 4.83 -21.19
C GLU A 369 23.01 4.64 -22.69
N GLY A 370 22.43 5.65 -23.34
CA GLY A 370 22.10 5.62 -24.77
C GLY A 370 20.64 5.66 -25.17
N ALA A 371 19.73 5.94 -24.23
CA ALA A 371 18.30 5.98 -24.53
C ALA A 371 17.80 7.34 -25.04
N THR A 372 16.66 7.35 -25.74
CA THR A 372 16.01 8.56 -26.29
C THR A 372 14.97 9.11 -25.28
N ILE A 373 14.92 10.45 -25.11
CA ILE A 373 13.92 11.07 -24.25
C ILE A 373 12.88 11.73 -25.18
N LEU A 374 12.04 10.87 -25.76
CA LEU A 374 10.96 11.14 -26.70
C LEU A 374 9.90 12.12 -26.18
N CYS A 375 9.74 12.19 -24.86
CA CYS A 375 8.74 13.04 -24.23
C CYS A 375 9.27 13.49 -22.87
N GLY A 376 8.88 14.70 -22.44
CA GLY A 376 9.26 15.29 -21.17
C GLY A 376 10.72 15.14 -20.78
N GLY A 377 10.92 14.72 -19.54
CA GLY A 377 12.25 14.49 -18.96
C GLY A 377 12.84 15.70 -18.28
N GLU A 378 12.33 16.88 -18.61
CA GLU A 378 12.78 18.14 -18.03
C GLU A 378 11.74 18.65 -17.00
N ARG A 379 12.07 19.77 -16.38
CA ARG A 379 11.20 20.41 -15.41
C ARG A 379 10.22 21.28 -16.21
N PRO A 380 8.91 21.33 -15.85
CA PRO A 380 7.98 22.21 -16.58
C PRO A 380 8.43 23.66 -16.44
N GLN A 381 8.65 24.31 -17.58
CA GLN A 381 9.12 25.69 -17.74
C GLN A 381 8.28 26.74 -16.99
N HIS A 382 6.97 26.48 -16.78
CA HIS A 382 6.04 27.41 -16.14
C HIS A 382 5.98 27.37 -14.60
N LEU A 383 6.52 26.31 -13.98
CA LEU A 383 6.52 26.17 -12.52
C LEU A 383 7.93 26.41 -11.98
N LYS A 384 8.11 27.56 -11.32
CA LYS A 384 9.40 28.01 -10.77
C LYS A 384 9.76 27.33 -9.48
N LYS A 385 8.76 26.97 -8.68
CA LYS A 385 8.92 26.28 -7.39
C LYS A 385 8.23 24.91 -7.45
N GLY A 386 8.59 24.03 -6.54
CA GLY A 386 7.98 22.70 -6.43
C GLY A 386 8.73 21.60 -7.14
N TYR A 387 8.48 20.36 -6.74
CA TYR A 387 9.17 19.21 -7.32
C TYR A 387 8.44 18.59 -8.52
N TYR A 388 8.19 19.43 -9.53
CA TYR A 388 7.51 19.02 -10.75
C TYR A 388 8.48 18.40 -11.75
N VAL A 389 8.09 17.27 -12.30
CA VAL A 389 8.81 16.54 -13.33
C VAL A 389 7.77 16.38 -14.43
N GLN A 390 8.18 16.57 -15.70
CA GLN A 390 7.27 16.36 -16.82
C GLN A 390 7.01 14.84 -16.95
N PRO A 391 5.80 14.38 -17.34
CA PRO A 391 5.61 12.94 -17.61
C PRO A 391 6.60 12.59 -18.73
N THR A 392 7.35 11.54 -18.51
CA THR A 392 8.42 11.14 -19.40
C THR A 392 8.19 9.77 -19.99
N ILE A 393 8.39 9.67 -21.30
CA ILE A 393 8.29 8.47 -22.09
C ILE A 393 9.66 8.38 -22.74
N ILE A 394 10.43 7.35 -22.35
CA ILE A 394 11.78 7.02 -22.81
C ILE A 394 11.72 5.84 -23.81
N THR A 395 12.41 5.98 -24.95
CA THR A 395 12.52 4.90 -25.95
C THR A 395 13.98 4.50 -26.13
N ASP A 396 14.26 3.58 -27.08
CA ASP A 396 15.60 3.03 -27.37
C ASP A 396 16.19 2.45 -26.08
N VAL A 397 15.35 1.62 -25.42
CA VAL A 397 15.60 0.98 -24.12
C VAL A 397 16.00 -0.50 -24.20
N ASN A 398 17.17 -0.83 -23.67
CA ASN A 398 17.66 -2.20 -23.60
C ASN A 398 17.64 -2.72 -22.16
N THR A 399 17.43 -4.02 -22.02
CA THR A 399 17.31 -4.78 -20.78
C THR A 399 18.43 -4.62 -19.70
N SER A 400 19.62 -4.23 -20.13
CA SER A 400 20.78 -4.03 -19.26
C SER A 400 20.82 -2.59 -18.64
N MET A 401 19.80 -1.73 -18.98
CA MET A 401 19.68 -0.37 -18.46
C MET A 401 18.92 -0.31 -17.15
N GLU A 402 19.40 0.55 -16.23
CA GLU A 402 18.84 0.82 -14.92
C GLU A 402 17.37 1.28 -15.03
N ILE A 403 17.04 2.02 -16.10
CA ILE A 403 15.67 2.50 -16.35
C ILE A 403 14.68 1.36 -16.54
N TRP A 404 15.13 0.29 -17.24
CA TRP A 404 14.39 -0.94 -17.50
C TRP A 404 14.37 -1.79 -16.21
N LYS A 405 15.57 -1.93 -15.58
CA LYS A 405 15.85 -2.77 -14.41
C LYS A 405 15.17 -2.38 -13.09
N GLU A 406 15.24 -1.08 -12.73
CA GLU A 406 14.81 -0.54 -11.44
C GLU A 406 13.61 0.38 -11.40
N GLU A 407 12.81 0.26 -10.30
CA GLU A 407 11.66 1.12 -9.96
C GLU A 407 12.16 2.60 -9.84
N VAL A 408 11.54 3.51 -10.63
CA VAL A 408 11.89 4.94 -10.65
C VAL A 408 11.06 5.75 -9.65
N PHE A 409 9.76 5.42 -9.51
CA PHE A 409 8.81 6.13 -8.63
C PHE A 409 8.59 7.66 -8.99
N GLY A 410 8.68 7.94 -10.28
CA GLY A 410 8.42 9.23 -10.91
C GLY A 410 7.48 9.04 -12.08
N PRO A 411 7.00 10.10 -12.77
CA PRO A 411 6.10 9.86 -13.93
C PRO A 411 6.92 9.48 -15.16
N VAL A 412 7.69 8.37 -15.05
CA VAL A 412 8.63 7.92 -16.08
C VAL A 412 8.26 6.54 -16.66
N LEU A 413 8.11 6.46 -17.99
CA LEU A 413 7.79 5.21 -18.70
C LEU A 413 8.87 4.85 -19.72
N CYS A 414 9.37 3.62 -19.67
CA CYS A 414 10.32 3.19 -20.69
C CYS A 414 9.60 2.23 -21.62
N VAL A 415 9.91 2.32 -22.93
CA VAL A 415 9.20 1.58 -23.98
C VAL A 415 10.06 0.63 -24.77
N LYS A 416 9.48 -0.57 -25.07
CA LYS A 416 10.10 -1.63 -25.89
C LYS A 416 9.10 -2.23 -26.88
N THR A 417 9.61 -2.73 -28.00
CA THR A 417 8.80 -3.36 -29.03
C THR A 417 9.10 -4.86 -29.09
N PHE A 418 8.15 -5.63 -29.62
CA PHE A 418 8.26 -7.08 -29.79
C PHE A 418 7.51 -7.51 -31.05
N LYS A 419 7.69 -8.75 -31.50
CA LYS A 419 6.92 -9.23 -32.66
C LYS A 419 6.02 -10.41 -32.31
N THR A 420 6.55 -11.39 -31.52
CA THR A 420 5.91 -12.64 -31.09
C THR A 420 5.45 -12.63 -29.62
N GLU A 421 4.58 -13.60 -29.24
CA GLU A 421 4.07 -13.79 -27.89
C GLU A 421 5.20 -14.14 -26.94
N GLU A 422 6.07 -15.08 -27.36
CA GLU A 422 7.23 -15.59 -26.63
C GLU A 422 8.13 -14.44 -26.26
N GLN A 423 8.42 -13.53 -27.23
CA GLN A 423 9.23 -12.31 -27.07
C GLN A 423 8.61 -11.37 -26.04
N ALA A 424 7.28 -11.16 -26.14
CA ALA A 424 6.51 -10.34 -25.21
C ALA A 424 6.60 -10.88 -23.80
N ILE A 425 6.32 -12.21 -23.57
CA ILE A 425 6.42 -12.85 -22.25
C ILE A 425 7.83 -12.62 -21.68
N GLU A 426 8.85 -13.01 -22.45
CA GLU A 426 10.27 -12.87 -22.12
C GLU A 426 10.59 -11.46 -21.57
N LEU A 427 10.17 -10.42 -22.28
CA LEU A 427 10.41 -9.03 -21.88
C LEU A 427 9.65 -8.62 -20.62
N ALA A 428 8.37 -9.09 -20.51
CA ALA A 428 7.47 -8.79 -19.41
C ALA A 428 8.00 -9.33 -18.07
N ASN A 429 8.60 -10.52 -18.10
CA ASN A 429 9.17 -11.19 -16.93
C ASN A 429 10.63 -10.93 -16.68
N ASP A 430 11.32 -10.17 -17.57
CA ASP A 430 12.74 -9.81 -17.42
C ASP A 430 12.84 -8.70 -16.38
N THR A 431 12.57 -9.05 -15.12
CA THR A 431 12.62 -8.17 -13.95
C THR A 431 12.80 -8.91 -12.66
N LYS A 432 13.40 -8.24 -11.65
CA LYS A 432 13.55 -8.79 -10.30
C LYS A 432 12.17 -8.67 -9.56
N TYR A 433 11.32 -7.75 -10.00
CA TYR A 433 10.01 -7.46 -9.42
C TYR A 433 8.94 -8.46 -9.83
N GLY A 434 7.73 -8.29 -9.32
CA GLY A 434 6.64 -9.21 -9.64
C GLY A 434 5.34 -8.83 -8.97
N LEU A 435 5.03 -7.54 -9.01
CA LEU A 435 3.82 -7.03 -8.40
C LEU A 435 2.61 -7.17 -9.36
N GLY A 436 2.44 -6.23 -10.26
CA GLY A 436 1.33 -6.25 -11.21
C GLY A 436 1.77 -6.47 -12.64
N ALA A 437 0.79 -6.59 -13.54
CA ALA A 437 0.99 -6.75 -14.98
C ALA A 437 -0.32 -6.50 -15.70
N ALA A 438 -0.22 -5.90 -16.87
CA ALA A 438 -1.36 -5.54 -17.69
C ALA A 438 -1.15 -6.08 -19.11
N VAL A 439 -2.21 -6.68 -19.65
CA VAL A 439 -2.26 -7.29 -20.97
C VAL A 439 -3.46 -6.71 -21.73
N MET A 440 -3.15 -5.87 -22.77
CA MET A 440 -4.14 -5.21 -23.63
C MET A 440 -4.30 -5.97 -24.97
N SER A 441 -5.39 -6.77 -25.09
CA SER A 441 -5.67 -7.60 -26.27
C SER A 441 -7.14 -8.05 -26.36
N LYS A 442 -7.61 -8.31 -27.57
CA LYS A 442 -8.97 -8.78 -27.80
C LYS A 442 -9.04 -10.31 -27.89
N ASP A 443 -7.87 -10.99 -27.93
CA ASP A 443 -7.79 -12.45 -27.97
C ASP A 443 -7.82 -13.01 -26.56
N VAL A 444 -8.94 -13.71 -26.25
CA VAL A 444 -9.25 -14.32 -24.96
C VAL A 444 -8.19 -15.34 -24.51
N LYS A 445 -7.91 -16.33 -25.35
CA LYS A 445 -6.95 -17.39 -25.02
C LYS A 445 -5.51 -16.90 -24.83
N ARG A 446 -5.15 -15.77 -25.49
CA ARG A 446 -3.89 -15.05 -25.41
C ARG A 446 -3.86 -14.28 -24.09
N CYS A 447 -5.04 -13.76 -23.67
CA CYS A 447 -5.18 -13.06 -22.40
C CYS A 447 -5.08 -14.06 -21.26
N GLU A 448 -5.51 -15.31 -21.50
CA GLU A 448 -5.42 -16.39 -20.52
C GLU A 448 -3.96 -16.88 -20.46
N ARG A 449 -3.31 -17.03 -21.64
CA ARG A 449 -1.91 -17.44 -21.69
C ARG A 449 -1.05 -16.46 -20.85
N PHE A 450 -1.27 -15.15 -21.04
CA PHE A 450 -0.60 -14.09 -20.30
C PHE A 450 -0.93 -14.12 -18.82
N THR A 451 -2.16 -14.50 -18.47
CA THR A 451 -2.62 -14.65 -17.08
C THR A 451 -1.71 -15.66 -16.31
N LYS A 452 -1.30 -16.76 -16.94
CA LYS A 452 -0.44 -17.78 -16.31
C LYS A 452 1.07 -17.49 -16.48
N ALA A 453 1.47 -16.89 -17.61
CA ALA A 453 2.87 -16.57 -17.90
C ALA A 453 3.43 -15.43 -17.04
N PHE A 454 2.64 -14.39 -16.81
CA PHE A 454 3.02 -13.25 -15.97
C PHE A 454 3.45 -13.72 -14.55
N GLN A 455 4.77 -13.61 -14.25
CA GLN A 455 5.36 -14.02 -12.99
C GLN A 455 5.17 -12.92 -11.96
N THR A 456 3.86 -12.64 -11.64
CA THR A 456 3.40 -11.57 -10.74
C THR A 456 2.26 -12.05 -9.86
N GLY A 457 1.71 -11.13 -9.05
CA GLY A 457 0.57 -11.34 -8.17
C GLY A 457 -0.71 -10.64 -8.60
N ILE A 458 -0.63 -9.71 -9.60
CA ILE A 458 -1.80 -8.96 -10.12
C ILE A 458 -1.78 -8.90 -11.66
N ILE A 459 -2.89 -9.32 -12.29
CA ILE A 459 -3.04 -9.29 -13.75
C ILE A 459 -4.23 -8.45 -14.12
N TRP A 460 -3.97 -7.45 -14.95
CA TRP A 460 -4.99 -6.54 -15.45
C TRP A 460 -5.31 -6.87 -16.91
N ILE A 461 -6.58 -7.13 -17.23
CA ILE A 461 -6.93 -7.45 -18.61
C ILE A 461 -7.71 -6.29 -19.19
N ASN A 462 -7.15 -5.66 -20.20
CA ASN A 462 -7.77 -4.51 -20.86
C ASN A 462 -7.95 -3.26 -19.99
N CYS A 463 -6.95 -3.03 -19.12
CA CYS A 463 -6.81 -1.88 -18.21
C CYS A 463 -5.49 -1.92 -17.46
N SER A 464 -5.27 -0.95 -16.59
CA SER A 464 -4.11 -0.89 -15.72
C SER A 464 -4.48 -0.06 -14.55
N GLN A 465 -4.30 -0.65 -13.37
CA GLN A 465 -4.44 -0.13 -11.98
C GLN A 465 -5.73 -0.33 -11.18
N PRO A 466 -6.94 -0.55 -11.71
CA PRO A 466 -8.09 -0.65 -10.78
C PRO A 466 -8.07 -1.90 -9.94
N THR A 467 -8.40 -1.74 -8.66
CA THR A 467 -8.47 -2.80 -7.66
C THR A 467 -9.77 -2.71 -6.90
N PHE A 468 -10.16 -3.79 -6.24
CA PHE A 468 -11.35 -3.88 -5.42
C PHE A 468 -10.94 -4.47 -4.10
N ASN A 469 -11.59 -4.04 -3.02
CA ASN A 469 -11.33 -4.50 -1.67
C ASN A 469 -11.41 -6.00 -1.56
N GLU A 470 -12.38 -6.61 -2.26
CA GLU A 470 -12.68 -8.03 -2.32
C GLU A 470 -11.53 -8.88 -2.91
N LEU A 471 -10.49 -8.23 -3.45
CA LEU A 471 -9.37 -8.92 -4.09
C LEU A 471 -8.04 -9.01 -3.34
N PRO A 472 -7.26 -10.10 -3.52
CA PRO A 472 -5.98 -10.19 -2.81
C PRO A 472 -4.90 -9.34 -3.46
N TRP A 473 -4.35 -8.42 -2.68
CA TRP A 473 -3.31 -7.54 -3.22
C TRP A 473 -1.95 -7.96 -2.76
N GLY A 474 -1.05 -8.16 -3.72
CA GLY A 474 0.34 -8.50 -3.43
C GLY A 474 1.10 -9.01 -4.62
N GLY A 475 2.38 -9.28 -4.40
CA GLY A 475 3.29 -9.78 -5.42
C GLY A 475 4.11 -10.97 -4.99
N LYS A 476 5.08 -11.34 -5.86
CA LYS A 476 6.07 -12.40 -5.67
C LYS A 476 7.42 -11.83 -6.09
N LYS A 477 8.51 -12.64 -6.00
CA LYS A 477 9.89 -12.25 -6.34
C LYS A 477 10.31 -11.08 -5.43
N ARG A 478 10.97 -10.03 -5.98
CA ARG A 478 11.40 -8.84 -5.20
C ARG A 478 10.28 -7.90 -4.73
N SER A 479 9.01 -8.13 -5.16
CA SER A 479 7.81 -7.37 -4.74
C SER A 479 7.25 -7.88 -3.39
N GLY A 480 7.89 -8.90 -2.84
CA GLY A 480 7.58 -9.42 -1.53
C GLY A 480 6.67 -10.62 -1.45
N PHE A 481 5.99 -10.74 -0.31
CA PHE A 481 5.12 -11.84 0.07
C PHE A 481 3.99 -11.35 0.92
N GLY A 482 2.95 -12.19 1.00
CA GLY A 482 1.75 -11.86 1.74
C GLY A 482 0.72 -11.18 0.84
N ARG A 483 -0.55 -11.21 1.30
CA ARG A 483 -1.63 -10.59 0.57
C ARG A 483 -2.42 -9.66 1.44
N ASP A 484 -2.57 -8.43 0.98
CA ASP A 484 -3.41 -7.41 1.59
C ASP A 484 -4.82 -7.59 1.01
N LEU A 485 -5.81 -6.94 1.64
CA LEU A 485 -7.22 -6.91 1.21
C LEU A 485 -7.91 -8.26 1.19
N GLY A 486 -9.17 -8.29 0.76
CA GLY A 486 -9.99 -9.49 0.76
C GLY A 486 -10.16 -10.06 2.16
N LYS A 487 -10.32 -11.39 2.27
CA LYS A 487 -10.39 -12.07 3.56
C LYS A 487 -8.97 -12.29 4.08
N TRP A 488 -7.97 -12.26 3.16
CA TRP A 488 -6.52 -12.44 3.40
C TRP A 488 -6.04 -11.37 4.40
N GLY A 489 -6.34 -10.11 4.10
CA GLY A 489 -6.01 -8.93 4.89
C GLY A 489 -6.52 -8.94 6.31
N LEU A 490 -7.63 -9.62 6.55
CA LEU A 490 -8.23 -9.83 7.87
C LEU A 490 -7.59 -11.06 8.56
N GLU A 491 -7.37 -12.15 7.81
CA GLU A 491 -6.77 -13.40 8.32
C GLU A 491 -5.31 -13.23 8.76
N ASN A 492 -4.60 -12.22 8.21
CA ASN A 492 -3.23 -11.90 8.57
C ASN A 492 -3.17 -11.54 10.05
N PHE A 493 -4.26 -11.01 10.60
CA PHE A 493 -4.39 -10.57 11.99
C PHE A 493 -5.23 -11.51 12.86
N LEU A 494 -5.33 -12.76 12.47
CA LEU A 494 -6.02 -13.79 13.24
C LEU A 494 -5.06 -14.91 13.65
N ASN A 495 -5.00 -15.27 14.94
CA ASN A 495 -4.25 -16.44 15.33
C ASN A 495 -5.20 -17.64 15.07
N ILE A 496 -4.66 -18.75 14.55
CA ILE A 496 -5.40 -19.97 14.20
C ILE A 496 -5.12 -21.03 15.26
N LYS A 497 -6.21 -21.51 15.94
CA LYS A 497 -6.16 -22.53 16.98
C LYS A 497 -6.72 -23.86 16.51
N GLN A 498 -6.03 -24.95 16.86
CA GLN A 498 -6.52 -26.30 16.54
C GLN A 498 -7.19 -26.74 17.81
N VAL A 499 -8.45 -27.15 17.74
CA VAL A 499 -9.07 -27.61 18.98
C VAL A 499 -9.42 -29.08 18.86
N THR A 500 -8.62 -29.95 19.50
CA THR A 500 -8.85 -31.39 19.46
C THR A 500 -9.36 -31.81 20.81
N GLU A 501 -10.46 -32.55 20.81
CA GLU A 501 -11.05 -33.10 22.04
C GLU A 501 -11.20 -34.60 21.90
N TYR A 502 -10.75 -35.33 22.90
CA TYR A 502 -10.88 -36.77 23.00
C TYR A 502 -12.23 -37.06 23.67
N THR A 503 -13.08 -37.83 22.98
CA THR A 503 -14.44 -38.18 23.42
C THR A 503 -14.66 -39.67 23.85
N SER A 504 -13.58 -40.47 23.99
CA SER A 504 -13.68 -41.88 24.39
C SER A 504 -13.40 -42.17 25.87
N ALA A 505 -14.08 -43.19 26.40
CA ALA A 505 -13.95 -43.63 27.79
C ALA A 505 -12.73 -44.55 27.85
N GLU A 506 -12.37 -45.15 26.71
CA GLU A 506 -11.28 -46.10 26.55
C GLU A 506 -9.90 -45.48 26.78
N PRO A 507 -8.92 -46.24 27.35
CA PRO A 507 -7.59 -45.65 27.56
C PRO A 507 -6.80 -45.62 26.25
N LEU A 508 -5.73 -44.80 26.20
CA LEU A 508 -4.89 -44.67 25.01
C LEU A 508 -4.28 -46.00 24.48
N ALA A 509 -4.04 -47.00 25.37
CA ALA A 509 -3.48 -48.34 25.11
C ALA A 509 -1.96 -48.37 24.85
N PHE A 510 -1.35 -47.19 24.67
CA PHE A 510 0.10 -46.99 24.56
C PHE A 510 0.51 -46.86 26.02
N TYR A 511 1.63 -47.51 26.41
CA TYR A 511 2.13 -47.58 27.80
C TYR A 511 1.41 -48.65 28.64
N LYS A 512 2.21 -49.52 29.29
CA LYS A 512 1.72 -50.62 30.13
C LYS A 512 1.29 -50.12 31.49
N SER A 513 0.01 -50.35 31.79
CA SER A 513 -0.71 -50.00 33.01
C SER A 513 -0.05 -50.62 34.23
N PRO A 514 0.05 -49.89 35.36
CA PRO A 514 0.64 -50.47 36.55
C PRO A 514 -0.40 -51.27 37.34
#